data_2EH3
#
_entry.id   2EH3
#
_cell.length_a   49.857
_cell.length_b   54.919
_cell.length_c   73.144
_cell.angle_alpha   90.00
_cell.angle_beta   90.00
_cell.angle_gamma   90.00
#
_symmetry.space_group_name_H-M   'P 21 21 2'
#
loop_
_entity.id
_entity.type
_entity.pdbx_description
1 polymer 'Transcriptional regulator'
2 non-polymer 'MAGNESIUM ION'
3 water water
#
_entity_poly.entity_id   1
_entity_poly.type   'polypeptide(L)'
_entity_poly.pdbx_seq_one_letter_code
;(MSE)GTKERILEVSKELFFEKGYQGTSVEEIVKRANLSKGAFYFHFKSKEELITEIIERTHKKIISLFEENKEKTPEEL
LE(MSE)FLEVLYREKKVVYIFLFDLLCSEKFRNIYFEKIEDAKRRFEKFLEKHFPSKAEILSEIILGFLRQLILHYVIK
EERELPFLKEKLREGLKLIFEGVKKCG
;
_entity_poly.pdbx_strand_id   A
#
# COMPACT_ATOMS: atom_id res chain seq x y z
N GLY A 2 16.74 12.90 -3.90
CA GLY A 2 17.66 12.97 -5.05
C GLY A 2 17.02 12.47 -6.33
N THR A 3 17.86 12.12 -7.29
CA THR A 3 17.40 11.64 -8.57
C THR A 3 16.56 10.38 -8.46
N LYS A 4 16.97 9.45 -7.59
CA LYS A 4 16.20 8.22 -7.44
C LYS A 4 14.80 8.55 -6.95
N GLU A 5 14.72 9.46 -5.98
CA GLU A 5 13.43 9.88 -5.44
C GLU A 5 12.59 10.53 -6.52
N ARG A 6 13.21 11.34 -7.37
CA ARG A 6 12.43 11.99 -8.42
C ARG A 6 11.86 10.98 -9.41
N ILE A 7 12.67 10.00 -9.78
CA ILE A 7 12.22 8.96 -10.69
C ILE A 7 11.05 8.21 -10.04
N LEU A 8 11.19 7.86 -8.77
CA LEU A 8 10.11 7.15 -8.10
C LEU A 8 8.81 7.95 -8.10
N GLU A 9 8.91 9.26 -7.88
CA GLU A 9 7.70 10.10 -7.84
C GLU A 9 7.02 10.19 -9.20
N VAL A 10 7.82 10.39 -10.24
CA VAL A 10 7.28 10.48 -11.59
C VAL A 10 6.65 9.14 -11.99
N SER A 11 7.30 8.04 -11.64
CA SER A 11 6.82 6.70 -12.02
C SER A 11 5.50 6.38 -11.30
N LYS A 12 5.41 6.77 -10.04
CA LYS A 12 4.16 6.54 -9.29
C LYS A 12 3.04 7.31 -9.97
N GLU A 13 3.34 8.54 -10.37
CA GLU A 13 2.33 9.35 -11.04
C GLU A 13 1.88 8.74 -12.37
N LEU A 14 2.83 8.37 -13.22
CA LEU A 14 2.46 7.80 -14.52
C LEU A 14 1.77 6.44 -14.38
N PHE A 15 2.28 5.57 -13.50
CA PHE A 15 1.62 4.26 -13.33
C PHE A 15 0.20 4.44 -12.81
N PHE A 16 -0.01 5.39 -11.89
CA PHE A 16 -1.33 5.68 -11.36
C PHE A 16 -2.26 6.14 -12.48
N GLU A 17 -1.75 7.06 -13.29
CA GLU A 17 -2.54 7.60 -14.40
C GLU A 17 -2.85 6.61 -15.52
N LYS A 18 -1.89 5.80 -15.91
CA LYS A 18 -2.15 4.91 -17.04
C LYS A 18 -1.62 3.50 -16.99
N GLY A 19 -1.22 3.06 -15.80
CA GLY A 19 -0.76 1.69 -15.63
C GLY A 19 0.70 1.40 -15.90
N TYR A 20 1.17 0.31 -15.31
CA TYR A 20 2.56 -0.14 -15.48
C TYR A 20 2.85 -0.58 -16.93
N GLN A 21 2.01 -1.45 -17.49
CA GLN A 21 2.22 -1.91 -18.86
C GLN A 21 2.17 -0.79 -19.89
N GLY A 22 1.30 0.18 -19.63
CA GLY A 22 1.13 1.31 -20.54
C GLY A 22 2.06 2.49 -20.35
N THR A 23 3.08 2.33 -19.51
CA THR A 23 4.06 3.40 -19.27
C THR A 23 5.43 2.87 -19.57
N SER A 24 6.21 3.61 -20.37
CA SER A 24 7.55 3.18 -20.74
C SER A 24 8.63 3.94 -19.99
N VAL A 25 9.84 3.38 -19.98
CA VAL A 25 10.96 4.04 -19.34
C VAL A 25 11.18 5.36 -20.08
N GLU A 26 10.99 5.36 -21.39
CA GLU A 26 11.17 6.59 -22.13
C GLU A 26 10.22 7.70 -21.64
N GLU A 27 8.95 7.39 -21.39
CA GLU A 27 8.00 8.40 -20.93
C GLU A 27 8.37 8.91 -19.53
N ILE A 28 8.84 8.00 -18.68
CA ILE A 28 9.25 8.35 -17.33
C ILE A 28 10.42 9.34 -17.35
N VAL A 29 11.48 9.00 -18.10
CA VAL A 29 12.64 9.89 -18.09
C VAL A 29 12.34 11.22 -18.78
N LYS A 30 11.47 11.20 -19.79
CA LYS A 30 11.07 12.44 -20.46
C LYS A 30 10.38 13.35 -19.45
N ARG A 31 9.40 12.80 -18.72
CA ARG A 31 8.66 13.59 -17.74
C ARG A 31 9.58 14.10 -16.62
N ALA A 32 10.57 13.30 -16.25
CA ALA A 32 11.51 13.68 -15.21
C ALA A 32 12.67 14.55 -15.72
N ASN A 33 12.74 14.77 -17.03
CA ASN A 33 13.83 15.56 -17.63
C ASN A 33 15.19 14.94 -17.26
N LEU A 34 15.29 13.63 -17.45
CA LEU A 34 16.51 12.88 -17.16
C LEU A 34 16.89 12.03 -18.34
N SER A 35 18.15 11.60 -18.34
CA SER A 35 18.66 10.73 -19.38
C SER A 35 18.32 9.30 -19.02
N LYS A 36 18.39 8.41 -20.01
CA LYS A 36 18.16 6.99 -19.73
C LYS A 36 19.28 6.48 -18.80
N GLY A 37 20.50 7.00 -18.98
CA GLY A 37 21.60 6.58 -18.14
C GLY A 37 21.34 6.89 -16.68
N ALA A 38 20.67 8.01 -16.43
CA ALA A 38 20.37 8.37 -15.06
C ALA A 38 19.40 7.35 -14.49
N PHE A 39 18.45 6.93 -15.32
CA PHE A 39 17.49 5.96 -14.86
C PHE A 39 18.14 4.62 -14.58
N TYR A 40 18.93 4.13 -15.54
CA TYR A 40 19.57 2.85 -15.37
C TYR A 40 20.65 2.79 -14.31
N PHE A 41 21.15 3.96 -13.90
CA PHE A 41 22.13 3.99 -12.83
C PHE A 41 21.41 3.57 -11.54
N HIS A 42 20.15 3.98 -11.39
CA HIS A 42 19.36 3.64 -10.19
C HIS A 42 18.48 2.40 -10.28
N PHE A 43 18.06 2.04 -11.49
CA PHE A 43 17.17 0.89 -11.69
C PHE A 43 17.61 0.07 -12.90
N LYS A 44 17.80 -1.22 -12.75
CA LYS A 44 18.24 -1.98 -13.91
C LYS A 44 17.11 -2.29 -14.89
N SER A 45 15.87 -2.15 -14.43
CA SER A 45 14.72 -2.43 -15.26
C SER A 45 13.45 -1.80 -14.72
N LYS A 46 12.42 -1.80 -15.56
CA LYS A 46 11.11 -1.28 -15.20
C LYS A 46 10.61 -2.16 -14.03
N GLU A 47 10.91 -3.46 -14.08
CA GLU A 47 10.51 -4.40 -13.04
C GLU A 47 11.10 -4.02 -11.68
N GLU A 48 12.39 -3.67 -11.66
CA GLU A 48 13.03 -3.26 -10.41
C GLU A 48 12.35 -2.00 -9.89
N LEU A 49 12.01 -1.10 -10.81
CA LEU A 49 11.35 0.14 -10.42
C LEU A 49 10.01 -0.04 -9.71
N ILE A 50 9.09 -0.83 -10.28
CA ILE A 50 7.81 -0.97 -9.60
C ILE A 50 7.99 -1.75 -8.31
N THR A 51 8.92 -2.69 -8.29
CA THR A 51 9.15 -3.47 -7.08
C THR A 51 9.60 -2.53 -5.97
N GLU A 52 10.47 -1.56 -6.29
CA GLU A 52 10.95 -0.61 -5.29
C GLU A 52 9.83 0.29 -4.78
N ILE A 53 8.93 0.70 -5.66
CA ILE A 53 7.80 1.55 -5.28
C ILE A 53 6.98 0.83 -4.21
N ILE A 54 6.71 -0.45 -4.47
CA ILE A 54 5.94 -1.24 -3.51
C ILE A 54 6.72 -1.43 -2.24
N GLU A 55 8.01 -1.78 -2.37
CA GLU A 55 8.86 -2.02 -1.22
C GLU A 55 8.92 -0.82 -0.28
N ARG A 56 8.99 0.38 -0.85
CA ARG A 56 9.07 1.57 -0.01
C ARG A 56 7.76 1.84 0.72
N THR A 57 6.61 1.56 0.10
CA THR A 57 5.34 1.77 0.80
C THR A 57 5.19 0.67 1.86
N HIS A 58 5.65 -0.53 1.54
CA HIS A 58 5.58 -1.64 2.51
C HIS A 58 6.42 -1.26 3.74
N LYS A 59 7.57 -0.66 3.49
CA LYS A 59 8.44 -0.25 4.61
C LYS A 59 7.75 0.75 5.51
N LYS A 60 6.89 1.61 4.94
CA LYS A 60 6.17 2.57 5.77
C LYS A 60 5.18 1.79 6.65
N ILE A 61 4.67 0.67 6.11
CA ILE A 61 3.73 -0.16 6.84
C ILE A 61 4.46 -0.88 7.97
N ILE A 62 5.64 -1.42 7.67
CA ILE A 62 6.43 -2.08 8.69
C ILE A 62 6.71 -1.06 9.80
N SER A 63 7.13 0.14 9.43
CA SER A 63 7.41 1.19 10.42
C SER A 63 6.18 1.50 11.28
N LEU A 64 5.02 1.57 10.62
CA LEU A 64 3.78 1.84 11.34
C LEU A 64 3.57 0.82 12.45
N PHE A 65 3.74 -0.46 12.14
CA PHE A 65 3.55 -1.49 13.15
C PHE A 65 4.59 -1.37 14.24
N GLU A 66 5.85 -1.14 13.86
CA GLU A 66 6.91 -1.06 14.87
C GLU A 66 6.74 0.14 15.80
N GLU A 67 6.37 1.27 15.23
CA GLU A 67 6.24 2.50 16.00
C GLU A 67 4.96 2.68 16.79
N ASN A 68 3.98 1.81 16.56
CA ASN A 68 2.70 1.92 17.24
C ASN A 68 2.23 0.64 17.88
N LYS A 69 3.19 -0.21 18.25
CA LYS A 69 2.85 -1.50 18.87
C LYS A 69 2.20 -1.39 20.24
N GLU A 70 2.31 -0.22 20.88
CA GLU A 70 1.71 -0.04 22.21
C GLU A 70 0.33 0.64 22.16
N LYS A 71 -0.11 0.99 20.97
CA LYS A 71 -1.42 1.62 20.82
C LYS A 71 -2.57 0.60 20.90
N THR A 72 -3.78 1.09 21.12
CA THR A 72 -4.93 0.20 21.10
C THR A 72 -5.14 -0.26 19.64
N PRO A 73 -5.81 -1.39 19.44
CA PRO A 73 -6.04 -1.84 18.07
C PRO A 73 -6.76 -0.78 17.22
N GLU A 74 -7.74 -0.09 17.81
CA GLU A 74 -8.47 0.94 17.10
C GLU A 74 -7.56 2.08 16.65
N GLU A 75 -6.67 2.50 17.52
CA GLU A 75 -5.76 3.59 17.14
C GLU A 75 -4.68 3.12 16.15
N LEU A 76 -4.20 1.90 16.29
CA LEU A 76 -3.21 1.39 15.33
C LEU A 76 -3.91 1.36 13.94
N LEU A 77 -5.15 0.86 13.91
CA LEU A 77 -5.86 0.78 12.64
C LEU A 77 -6.18 2.16 12.05
N GLU A 78 -6.47 3.15 12.90
CA GLU A 78 -6.69 4.48 12.38
C GLU A 78 -5.44 4.97 11.67
N PHE A 80 -3.09 3.12 10.32
CA PHE A 80 -2.92 2.25 9.14
C PHE A 80 -3.76 2.85 8.00
N LEU A 81 -5.02 3.19 8.28
CA LEU A 81 -5.86 3.80 7.26
C LEU A 81 -5.30 5.15 6.81
N GLU A 82 -4.77 5.95 7.74
CA GLU A 82 -4.24 7.23 7.34
C GLU A 82 -3.07 7.07 6.35
N VAL A 83 -2.17 6.12 6.64
CA VAL A 83 -1.03 5.88 5.75
C VAL A 83 -1.51 5.36 4.41
N LEU A 84 -2.42 4.39 4.41
CA LEU A 84 -2.91 3.90 3.12
C LEU A 84 -3.53 5.04 2.29
N TYR A 85 -4.26 5.94 2.97
CA TYR A 85 -4.91 7.05 2.27
C TYR A 85 -3.86 8.00 1.69
N ARG A 86 -2.84 8.34 2.47
CA ARG A 86 -1.76 9.20 1.98
C ARG A 86 -1.06 8.53 0.78
N GLU A 87 -0.92 7.20 0.86
CA GLU A 87 -0.28 6.41 -0.20
C GLU A 87 -1.32 5.85 -1.18
N LYS A 88 -2.47 6.51 -1.36
CA LYS A 88 -3.50 5.95 -2.23
C LYS A 88 -3.12 5.68 -3.68
N LYS A 89 -2.17 6.45 -4.22
CA LYS A 89 -1.74 6.19 -5.59
C LYS A 89 -1.01 4.86 -5.66
N VAL A 90 -0.24 4.54 -4.62
CA VAL A 90 0.45 3.27 -4.60
C VAL A 90 -0.54 2.14 -4.34
N VAL A 91 -1.57 2.40 -3.54
CA VAL A 91 -2.58 1.38 -3.28
C VAL A 91 -3.25 1.04 -4.61
N TYR A 92 -3.51 2.04 -5.44
CA TYR A 92 -4.15 1.83 -6.74
C TYR A 92 -3.21 0.97 -7.62
N ILE A 93 -1.91 1.30 -7.65
CA ILE A 93 -0.94 0.54 -8.44
C ILE A 93 -0.88 -0.91 -7.93
N PHE A 94 -0.85 -1.06 -6.61
CA PHE A 94 -0.80 -2.37 -5.97
C PHE A 94 -1.93 -3.28 -6.48
N LEU A 95 -3.15 -2.74 -6.53
CA LEU A 95 -4.26 -3.56 -7.05
C LEU A 95 -4.23 -3.77 -8.57
N PHE A 96 -4.20 -2.68 -9.32
CA PHE A 96 -4.32 -2.80 -10.76
C PHE A 96 -3.13 -3.22 -11.55
N ASP A 97 -1.94 -2.98 -11.00
CA ASP A 97 -0.71 -3.40 -11.64
C ASP A 97 -0.08 -4.67 -11.05
N LEU A 98 -0.41 -5.02 -9.81
CA LEU A 98 0.16 -6.23 -9.23
C LEU A 98 -0.85 -7.36 -9.08
N LEU A 99 -1.94 -7.17 -8.33
CA LEU A 99 -2.92 -8.25 -8.21
C LEU A 99 -3.45 -8.65 -9.58
N CYS A 100 -3.78 -7.66 -10.40
CA CYS A 100 -4.36 -7.90 -11.72
C CYS A 100 -3.40 -8.49 -12.73
N SER A 101 -2.10 -8.46 -12.41
CA SER A 101 -1.11 -9.00 -13.34
C SER A 101 -0.91 -10.47 -13.13
N GLU A 102 -0.32 -11.19 -14.09
CA GLU A 102 -0.01 -12.57 -13.79
C GLU A 102 1.40 -12.60 -13.18
N LYS A 103 2.31 -11.83 -13.77
CA LYS A 103 3.70 -11.78 -13.35
C LYS A 103 3.97 -11.29 -11.93
N PHE A 104 3.19 -10.31 -11.48
CA PHE A 104 3.43 -9.73 -10.15
C PHE A 104 2.40 -10.10 -9.08
N ARG A 105 1.47 -11.00 -9.42
CA ARG A 105 0.45 -11.40 -8.43
C ARG A 105 1.04 -11.90 -7.12
N ASN A 106 2.14 -12.64 -7.22
CA ASN A 106 2.76 -13.18 -6.01
C ASN A 106 3.22 -12.08 -5.06
N ILE A 107 3.64 -10.93 -5.58
CA ILE A 107 4.12 -9.83 -4.73
C ILE A 107 2.95 -9.26 -3.95
N TYR A 108 1.83 -9.07 -4.63
CA TYR A 108 0.62 -8.54 -4.00
C TYR A 108 0.32 -9.43 -2.82
N PHE A 109 0.23 -10.73 -3.05
CA PHE A 109 -0.07 -11.61 -1.92
C PHE A 109 1.01 -11.69 -0.85
N GLU A 110 2.27 -11.56 -1.25
CA GLU A 110 3.36 -11.62 -0.27
C GLU A 110 3.25 -10.48 0.72
N LYS A 111 3.00 -9.28 0.22
CA LYS A 111 2.89 -8.10 1.04
C LYS A 111 1.68 -8.13 1.95
N ILE A 112 0.57 -8.64 1.43
CA ILE A 112 -0.64 -8.73 2.24
C ILE A 112 -0.39 -9.71 3.36
N GLU A 113 0.20 -10.85 3.03
CA GLU A 113 0.47 -11.87 4.03
C GLU A 113 1.38 -11.32 5.11
N ASP A 114 2.38 -10.52 4.71
CA ASP A 114 3.28 -9.96 5.70
C ASP A 114 2.55 -9.00 6.62
N ALA A 115 1.70 -8.15 6.05
CA ALA A 115 0.94 -7.22 6.86
C ALA A 115 0.03 -8.02 7.81
N LYS A 116 -0.57 -9.09 7.29
CA LYS A 116 -1.45 -9.93 8.10
C LYS A 116 -0.68 -10.56 9.25
N ARG A 117 0.52 -11.08 8.98
CA ARG A 117 1.33 -11.70 10.02
C ARG A 117 1.65 -10.69 11.11
N ARG A 118 2.02 -9.46 10.71
CA ARG A 118 2.35 -8.44 11.70
C ARG A 118 1.14 -8.02 12.53
N PHE A 119 0.00 -7.88 11.86
CA PHE A 119 -1.19 -7.51 12.56
C PHE A 119 -1.57 -8.62 13.54
N GLU A 120 -1.45 -9.86 13.10
CA GLU A 120 -1.77 -10.97 13.98
C GLU A 120 -0.93 -10.97 15.22
N LYS A 121 0.38 -10.76 15.03
CA LYS A 121 1.33 -10.73 16.16
C LYS A 121 0.91 -9.66 17.15
N PHE A 122 0.55 -8.49 16.64
CA PHE A 122 0.09 -7.40 17.50
C PHE A 122 -1.17 -7.81 18.28
N LEU A 123 -2.11 -8.46 17.61
CA LEU A 123 -3.34 -8.86 18.28
C LEU A 123 -3.18 -10.02 19.24
N GLU A 124 -2.10 -10.81 19.11
CA GLU A 124 -1.94 -11.98 20.01
C GLU A 124 -1.68 -11.55 21.44
N LYS A 125 -1.20 -10.32 21.62
CA LYS A 125 -0.88 -9.83 22.95
C LYS A 125 -2.10 -9.80 23.85
N HIS A 126 -3.16 -9.14 23.41
CA HIS A 126 -4.36 -9.10 24.26
C HIS A 126 -5.57 -9.92 23.81
N PHE A 127 -5.54 -10.51 22.62
CA PHE A 127 -6.68 -11.35 22.17
C PHE A 127 -6.08 -12.61 21.52
N PRO A 128 -5.27 -13.39 22.26
CA PRO A 128 -4.67 -14.59 21.65
C PRO A 128 -5.57 -15.54 20.90
N SER A 129 -6.65 -15.95 21.54
CA SER A 129 -7.55 -16.90 20.92
C SER A 129 -8.41 -16.36 19.82
N LYS A 130 -8.43 -15.03 19.66
CA LYS A 130 -9.23 -14.42 18.58
C LYS A 130 -8.36 -13.67 17.56
N ALA A 131 -7.05 -13.60 17.78
CA ALA A 131 -6.18 -12.84 16.86
C ALA A 131 -6.24 -13.25 15.39
N GLU A 132 -6.21 -14.56 15.15
CA GLU A 132 -6.27 -15.09 13.82
C GLU A 132 -7.58 -14.69 13.12
N ILE A 133 -8.70 -14.82 13.82
CA ILE A 133 -10.02 -14.48 13.29
C ILE A 133 -10.13 -12.97 13.05
N LEU A 134 -9.73 -12.21 14.04
CA LEU A 134 -9.82 -10.76 13.96
C LEU A 134 -8.99 -10.21 12.83
N SER A 135 -7.83 -10.82 12.57
CA SER A 135 -6.99 -10.30 11.50
C SER A 135 -7.69 -10.43 10.15
N GLU A 136 -8.40 -11.54 9.92
CA GLU A 136 -9.13 -11.80 8.69
C GLU A 136 -10.27 -10.80 8.55
N ILE A 137 -11.04 -10.66 9.62
CA ILE A 137 -12.17 -9.74 9.62
C ILE A 137 -11.74 -8.30 9.37
N ILE A 138 -10.78 -7.84 10.15
CA ILE A 138 -10.36 -6.46 10.05
C ILE A 138 -9.64 -6.13 8.76
N LEU A 139 -8.75 -7.01 8.29
CA LEU A 139 -8.11 -6.72 7.01
C LEU A 139 -9.15 -6.73 5.90
N GLY A 140 -10.11 -7.65 5.99
CA GLY A 140 -11.16 -7.70 4.99
C GLY A 140 -11.98 -6.42 4.97
N PHE A 141 -12.33 -5.95 6.16
CA PHE A 141 -13.12 -4.73 6.31
C PHE A 141 -12.34 -3.52 5.79
N LEU A 142 -11.06 -3.42 6.14
CA LEU A 142 -10.25 -2.29 5.69
C LEU A 142 -10.16 -2.32 4.17
N ARG A 143 -9.95 -3.51 3.60
CA ARG A 143 -9.86 -3.61 2.14
C ARG A 143 -11.20 -3.22 1.46
N GLN A 144 -12.34 -3.61 2.05
CA GLN A 144 -13.66 -3.25 1.54
C GLN A 144 -13.78 -1.71 1.52
N LEU A 145 -13.37 -1.07 2.61
CA LEU A 145 -13.47 0.40 2.65
C LEU A 145 -12.57 1.06 1.62
N ILE A 146 -11.37 0.55 1.44
CA ILE A 146 -10.48 1.20 0.48
C ILE A 146 -10.98 0.99 -0.94
N LEU A 147 -11.40 -0.23 -1.24
CA LEU A 147 -11.87 -0.53 -2.58
C LEU A 147 -13.10 0.31 -2.95
N HIS A 148 -14.01 0.47 -2.02
CA HIS A 148 -15.21 1.21 -2.34
C HIS A 148 -15.16 2.69 -2.14
N TYR A 149 -14.34 3.16 -1.22
CA TYR A 149 -14.33 4.58 -0.94
C TYR A 149 -13.03 5.30 -1.24
N VAL A 150 -12.10 4.58 -1.85
CA VAL A 150 -10.85 5.19 -2.31
C VAL A 150 -10.71 4.82 -3.80
N ILE A 151 -10.96 3.56 -4.14
CA ILE A 151 -10.83 3.12 -5.55
C ILE A 151 -12.03 3.37 -6.44
N LYS A 152 -13.20 2.88 -6.04
CA LYS A 152 -14.40 3.08 -6.84
C LYS A 152 -14.66 4.57 -6.93
N GLU A 153 -14.79 5.20 -5.78
CA GLU A 153 -15.00 6.64 -5.71
C GLU A 153 -14.03 7.16 -4.68
N GLU A 154 -13.41 8.31 -4.93
CA GLU A 154 -12.48 8.82 -3.96
C GLU A 154 -13.17 9.73 -2.94
N ARG A 155 -13.52 9.14 -1.80
CA ARG A 155 -14.12 9.89 -0.72
C ARG A 155 -12.97 10.50 0.08
N GLU A 156 -13.30 11.51 0.88
CA GLU A 156 -12.30 12.17 1.72
C GLU A 156 -12.03 11.27 2.95
N LEU A 157 -10.85 11.42 3.50
CA LEU A 157 -10.43 10.62 4.66
C LEU A 157 -11.37 10.62 5.87
N PRO A 158 -11.98 11.77 6.22
CA PRO A 158 -12.87 11.72 7.38
C PRO A 158 -14.00 10.70 7.28
N PHE A 159 -14.55 10.56 6.07
CA PHE A 159 -15.60 9.59 5.85
C PHE A 159 -15.10 8.18 6.11
N LEU A 160 -13.93 7.85 5.55
CA LEU A 160 -13.39 6.50 5.76
C LEU A 160 -13.08 6.26 7.23
N LYS A 161 -12.54 7.26 7.91
CA LYS A 161 -12.24 7.09 9.32
C LYS A 161 -13.48 6.88 10.17
N GLU A 162 -14.56 7.57 9.86
CA GLU A 162 -15.80 7.36 10.57
C GLU A 162 -16.28 5.91 10.38
N LYS A 163 -16.28 5.43 9.14
CA LYS A 163 -16.69 4.06 8.86
C LYS A 163 -15.81 3.05 9.60
N LEU A 164 -14.51 3.25 9.56
CA LEU A 164 -13.59 2.32 10.23
C LEU A 164 -13.83 2.34 11.74
N ARG A 165 -13.90 3.54 12.31
CA ARG A 165 -14.12 3.70 13.74
C ARG A 165 -15.37 2.95 14.22
N GLU A 166 -16.49 3.13 13.52
CA GLU A 166 -17.70 2.45 13.94
C GLU A 166 -17.63 0.94 13.81
N GLY A 167 -17.00 0.47 12.74
CA GLY A 167 -16.89 -0.97 12.56
C GLY A 167 -15.97 -1.60 13.58
N LEU A 168 -14.86 -0.94 13.92
CA LEU A 168 -13.94 -1.50 14.91
C LEU A 168 -14.57 -1.49 16.30
N LYS A 169 -15.35 -0.45 16.60
CA LYS A 169 -16.02 -0.39 17.87
C LYS A 169 -16.96 -1.57 17.99
N LEU A 170 -17.69 -1.87 16.92
CA LEU A 170 -18.62 -2.99 16.96
C LEU A 170 -17.85 -4.30 17.16
N ILE A 171 -16.75 -4.48 16.44
CA ILE A 171 -15.95 -5.69 16.56
C ILE A 171 -15.32 -5.87 17.94
N PHE A 172 -14.68 -4.83 18.47
CA PHE A 172 -14.01 -4.91 19.78
C PHE A 172 -14.85 -4.67 21.03
#